data_4F3A
#
_entry.id   4F3A
#
_cell.length_a   178.639
_cell.length_b   178.639
_cell.length_c   86.469
_cell.angle_alpha   90.00
_cell.angle_beta   90.00
_cell.angle_gamma   120.00
#
_symmetry.space_group_name_H-M   'P 65 2 2'
#
loop_
_entity.id
_entity.type
_entity.pdbx_description
1 polymer 'Retinoid isomerohydrolase'
2 non-polymer 'IRIDIUM (III) ION'
3 non-polymer 'FE (II) ION'
4 water water
#
_entity_poly.entity_id   1
_entity_poly.type   'polypeptide(L)'
_entity_poly.pdbx_seq_one_letter_code
;MSSQVEHPAGGYKKLFETVEELSSPLTAHVTGRIPLWLTGSLLRCGPGLFEVGSEPFYHLFDGQALLHKFDFKEGHVTYH
RRFIRTDAYVRAMTEKRIVITEFGTCAFPDPCKNIFSRFFSYFRGVEVTDNALVNIYPVGEDYYACTETNFITKVNPETL
ETIKQVDLCNYVSVNGATAHPHIENDGTVYNIGNCFGKNFSIAYNIVKIPPLQADKEDPISKSEIVVQFPCSDRFKPSYV
HSFGLTPNYIVFVETPVKINLFKFLSSWSLWGANYMDCFESNETMGVWLHIADKKRKKYINNKYRTSPFNLFHHINTYED
HEFLIVDLCCWKGFEFVYNYLYLANLRENWEEVKKNARKAPQPEVRRYVLPLNIDKADTGKNLVTLPNTTATAILCSDET
IWLEPEVLFSGPRQAFEFPQINYQKYGGKPYTYAYGLGLNHFVPDRLCKLNVKTKETWVWQEPDSYPSEPIFVSHPDALE
EDDGVVLSVVVSPGAGQKPAYLLILNAKDLSEVARAEVEINIPVTFHGLFKKS
;
_entity_poly.pdbx_strand_id   A
#
loop_
_chem_comp.id
_chem_comp.type
_chem_comp.name
_chem_comp.formula
FE2 non-polymer 'FE (II) ION' 'Fe 2'
IR3 non-polymer 'IRIDIUM (III) ION' 'Ir 3'
#
# COMPACT_ATOMS: atom_id res chain seq x y z
N GLN A 4 6.39 -12.64 -20.06
CA GLN A 4 5.44 -13.69 -20.58
C GLN A 4 4.51 -13.09 -21.65
N VAL A 5 3.62 -12.20 -21.20
CA VAL A 5 2.97 -11.26 -22.08
C VAL A 5 3.99 -10.15 -22.39
N GLU A 6 3.88 -9.56 -23.58
CA GLU A 6 4.84 -8.57 -24.02
C GLU A 6 4.10 -7.29 -24.36
N HIS A 7 4.75 -6.17 -24.10
CA HIS A 7 4.22 -4.85 -24.38
C HIS A 7 5.22 -4.02 -25.16
N PRO A 8 5.50 -4.42 -26.42
CA PRO A 8 6.50 -3.72 -27.24
C PRO A 8 6.04 -2.34 -27.69
N ALA A 9 4.73 -2.15 -27.78
CA ALA A 9 4.17 -0.84 -28.10
C ALA A 9 4.43 0.26 -27.05
N GLY A 10 4.91 -0.10 -25.86
CA GLY A 10 5.26 0.89 -24.84
C GLY A 10 4.11 1.66 -24.20
N GLY A 11 2.89 1.18 -24.35
CA GLY A 11 1.70 1.91 -23.86
C GLY A 11 1.72 2.26 -22.38
N TYR A 12 2.38 1.44 -21.57
CA TYR A 12 2.52 1.69 -20.15
C TYR A 12 3.19 3.05 -19.80
N LYS A 13 3.74 3.75 -20.80
CA LYS A 13 4.36 5.06 -20.54
C LYS A 13 3.30 6.12 -20.19
N LYS A 14 2.06 5.83 -20.60
CA LYS A 14 0.93 6.69 -20.31
C LYS A 14 0.56 6.72 -18.84
N LEU A 15 0.99 5.73 -18.09
CA LEU A 15 0.79 5.73 -16.63
C LEU A 15 1.61 6.80 -15.95
N PHE A 16 2.58 7.36 -16.66
CA PHE A 16 3.53 8.30 -16.09
C PHE A 16 3.59 9.63 -16.85
N GLU A 17 2.54 9.93 -17.59
CA GLU A 17 2.43 11.15 -18.34
C GLU A 17 1.53 12.08 -17.55
N THR A 18 1.93 13.34 -17.46
CA THR A 18 1.14 14.35 -16.75
C THR A 18 -0.30 14.49 -17.31
N VAL A 19 -1.24 14.76 -16.42
CA VAL A 19 -2.59 15.15 -16.85
C VAL A 19 -3.01 16.44 -16.15
N GLU A 20 -4.14 16.97 -16.60
CA GLU A 20 -4.76 18.14 -16.00
C GLU A 20 -5.99 17.72 -15.24
N GLU A 21 -6.35 18.50 -14.23
CA GLU A 21 -7.56 18.21 -13.49
C GLU A 21 -8.78 18.65 -14.28
N LEU A 22 -9.95 18.16 -13.86
CA LEU A 22 -11.20 18.59 -14.47
C LEU A 22 -11.84 19.68 -13.62
N SER A 23 -12.74 20.45 -14.23
CA SER A 23 -13.49 21.48 -13.51
C SER A 23 -14.67 20.89 -12.78
N SER A 24 -15.20 19.81 -13.37
CA SER A 24 -16.38 19.15 -12.86
C SER A 24 -16.42 17.76 -13.49
N PRO A 25 -17.23 16.85 -12.92
CA PRO A 25 -17.27 15.47 -13.37
C PRO A 25 -17.69 15.21 -14.83
N LEU A 26 -16.90 14.44 -15.56
CA LEU A 26 -17.30 13.88 -16.86
C LEU A 26 -18.28 12.76 -16.65
N THR A 27 -19.03 12.44 -17.68
CA THR A 27 -19.97 11.36 -17.62
C THR A 27 -19.40 10.26 -18.48
N ALA A 28 -19.21 9.10 -17.86
CA ALA A 28 -18.56 7.98 -18.51
C ALA A 28 -19.54 7.28 -19.40
N HIS A 29 -19.04 6.76 -20.50
CA HIS A 29 -19.86 5.95 -21.37
C HIS A 29 -19.83 4.54 -20.86
N VAL A 30 -20.99 4.01 -20.50
CA VAL A 30 -21.07 2.72 -19.84
C VAL A 30 -21.33 1.58 -20.80
N THR A 31 -20.63 0.47 -20.60
CA THR A 31 -20.84 -0.78 -21.36
C THR A 31 -21.29 -1.87 -20.41
N GLY A 32 -22.04 -2.84 -20.91
CA GLY A 32 -22.64 -3.86 -20.06
C GLY A 32 -23.61 -3.29 -19.03
N ARG A 33 -23.69 -3.92 -17.86
CA ARG A 33 -24.64 -3.53 -16.83
C ARG A 33 -24.03 -3.29 -15.43
N ILE A 34 -24.06 -2.04 -14.98
CA ILE A 34 -23.61 -1.70 -13.64
C ILE A 34 -24.62 -2.34 -12.68
N PRO A 35 -24.16 -3.08 -11.67
CA PRO A 35 -25.14 -3.61 -10.72
C PRO A 35 -25.88 -2.51 -9.95
N LEU A 36 -27.18 -2.72 -9.71
CA LEU A 36 -28.02 -1.69 -9.10
C LEU A 36 -27.60 -1.36 -7.70
N TRP A 37 -27.02 -2.34 -7.01
CA TRP A 37 -26.60 -2.14 -5.62
C TRP A 37 -25.29 -1.44 -5.49
N LEU A 38 -24.60 -1.22 -6.61
CA LEU A 38 -23.39 -0.44 -6.62
C LEU A 38 -23.71 1.04 -6.71
N THR A 39 -23.86 1.67 -5.56
CA THR A 39 -24.13 3.10 -5.48
C THR A 39 -23.15 3.65 -4.46
N GLY A 40 -22.22 4.44 -4.91
CA GLY A 40 -21.13 4.85 -4.06
C GLY A 40 -20.03 5.48 -4.90
N SER A 41 -18.87 5.59 -4.29
CA SER A 41 -17.76 6.27 -4.92
C SER A 41 -16.48 5.47 -4.76
N LEU A 42 -15.76 5.33 -5.86
CA LEU A 42 -14.40 4.83 -5.86
C LEU A 42 -13.42 6.00 -5.80
N LEU A 43 -12.70 6.15 -4.69
CA LEU A 43 -11.70 7.20 -4.55
C LEU A 43 -10.30 6.60 -4.64
N ARG A 44 -9.43 7.21 -5.43
CA ARG A 44 -8.07 6.71 -5.60
C ARG A 44 -7.05 7.86 -5.62
N CYS A 45 -5.86 7.65 -5.03
CA CYS A 45 -4.77 8.61 -5.11
C CYS A 45 -3.59 8.06 -5.90
N GLY A 46 -2.92 8.94 -6.63
CA GLY A 46 -1.73 8.62 -7.41
C GLY A 46 -1.09 9.91 -7.90
N PRO A 47 0.11 9.84 -8.51
CA PRO A 47 0.71 11.07 -9.06
C PRO A 47 0.01 11.53 -10.33
N GLY A 48 -0.15 12.84 -10.48
CA GLY A 48 -0.75 13.40 -11.71
C GLY A 48 0.12 14.37 -12.48
N LEU A 49 1.18 14.85 -11.84
CA LEU A 49 2.02 15.89 -12.39
C LEU A 49 3.48 15.50 -12.18
N PHE A 50 4.16 15.17 -13.28
CA PHE A 50 5.49 14.55 -13.21
C PHE A 50 6.65 15.48 -13.54
N GLU A 51 6.32 16.76 -13.76
CA GLU A 51 7.32 17.82 -13.88
C GLU A 51 6.69 19.18 -13.57
N VAL A 52 7.42 20.01 -12.86
CA VAL A 52 7.04 21.40 -12.66
C VAL A 52 7.85 22.24 -13.65
N GLY A 53 7.25 22.51 -14.81
CA GLY A 53 7.87 23.28 -15.86
C GLY A 53 8.88 22.47 -16.65
N SER A 54 10.14 22.84 -16.54
CA SER A 54 11.23 22.07 -17.12
C SER A 54 12.04 21.35 -16.02
N GLU A 55 11.61 21.46 -14.76
CA GLU A 55 12.14 20.62 -13.67
C GLU A 55 11.35 19.31 -13.55
N PRO A 56 11.98 18.16 -13.89
CA PRO A 56 11.28 16.87 -13.76
C PRO A 56 11.21 16.36 -12.32
N PHE A 57 10.26 15.45 -12.08
CA PHE A 57 10.31 14.58 -10.91
C PHE A 57 10.94 13.27 -11.39
N TYR A 58 11.83 12.69 -10.59
CA TYR A 58 12.51 11.46 -11.01
C TYR A 58 11.82 10.18 -10.56
N HIS A 59 11.35 10.10 -9.32
CA HIS A 59 10.83 8.84 -8.83
C HIS A 59 9.37 8.70 -9.01
N LEU A 60 8.93 7.45 -9.11
CA LEU A 60 7.52 7.12 -9.19
C LEU A 60 6.70 7.76 -8.05
N PHE A 61 7.29 7.93 -6.86
CA PHE A 61 6.54 8.44 -5.68
C PHE A 61 6.70 9.95 -5.44
N ASP A 62 7.08 10.68 -6.49
CA ASP A 62 7.40 12.12 -6.42
C ASP A 62 6.34 13.01 -7.06
N GLY A 63 5.72 12.53 -8.12
CA GLY A 63 4.71 13.31 -8.83
C GLY A 63 3.60 13.80 -7.90
N GLN A 64 3.03 14.95 -8.22
CA GLN A 64 2.10 15.61 -7.30
C GLN A 64 0.75 14.90 -7.18
N ALA A 65 0.32 14.69 -5.94
CA ALA A 65 -0.92 13.93 -5.64
C ALA A 65 -2.13 14.33 -6.49
N LEU A 66 -2.79 13.33 -7.02
CA LEU A 66 -3.97 13.51 -7.81
C LEU A 66 -5.02 12.60 -7.21
N LEU A 67 -6.20 13.17 -6.94
CA LEU A 67 -7.32 12.46 -6.31
C LEU A 67 -8.41 12.17 -7.37
N HIS A 68 -8.82 10.91 -7.48
CA HIS A 68 -9.75 10.50 -8.53
C HIS A 68 -11.05 10.00 -7.95
N LYS A 69 -12.14 10.15 -8.68
CA LYS A 69 -13.43 9.65 -8.24
C LYS A 69 -14.22 9.08 -9.40
N PHE A 70 -14.71 7.86 -9.22
CA PHE A 70 -15.68 7.29 -10.12
C PHE A 70 -16.96 7.17 -9.30
N ASP A 71 -18.01 7.88 -9.69
CA ASP A 71 -19.23 7.92 -8.90
C ASP A 71 -20.33 7.09 -9.54
N PHE A 72 -21.08 6.35 -8.72
CA PHE A 72 -22.18 5.54 -9.20
C PHE A 72 -23.50 6.10 -8.69
N LYS A 73 -24.06 7.06 -9.42
CA LYS A 73 -25.26 7.76 -8.99
C LYS A 73 -26.38 7.45 -9.94
N GLU A 74 -27.51 7.00 -9.39
CA GLU A 74 -28.75 6.89 -10.15
C GLU A 74 -28.53 6.45 -11.60
N GLY A 75 -27.98 5.25 -11.75
CA GLY A 75 -27.85 4.62 -13.06
C GLY A 75 -27.06 5.41 -14.07
N HIS A 76 -25.92 5.94 -13.64
CA HIS A 76 -24.91 6.47 -14.56
C HIS A 76 -23.64 6.65 -13.79
N VAL A 77 -22.54 6.81 -14.52
CA VAL A 77 -21.23 6.86 -13.91
C VAL A 77 -20.53 8.14 -14.29
N THR A 78 -19.90 8.79 -13.33
CA THR A 78 -19.08 9.97 -13.62
C THR A 78 -17.66 9.75 -13.20
N TYR A 79 -16.76 10.49 -13.85
CA TYR A 79 -15.37 10.52 -13.44
C TYR A 79 -14.94 11.95 -13.10
N HIS A 80 -14.16 12.12 -12.03
CA HIS A 80 -13.65 13.43 -11.67
C HIS A 80 -12.26 13.34 -11.10
N ARG A 81 -11.50 14.43 -11.20
CA ARG A 81 -10.20 14.46 -10.57
C ARG A 81 -9.71 15.86 -10.27
N ARG A 82 -9.10 15.99 -9.09
CA ARG A 82 -8.58 17.24 -8.61
C ARG A 82 -7.24 17.03 -7.94
N PHE A 83 -6.26 17.85 -8.29
CA PHE A 83 -5.00 17.82 -7.59
C PHE A 83 -5.20 18.21 -6.15
N ILE A 84 -4.51 17.54 -5.25
CA ILE A 84 -4.62 17.87 -3.84
C ILE A 84 -3.80 19.15 -3.60
N ARG A 85 -4.43 20.13 -2.95
CA ARG A 85 -3.80 21.44 -2.69
C ARG A 85 -2.89 21.40 -1.48
N THR A 86 -1.77 20.71 -1.64
CA THR A 86 -0.80 20.53 -0.58
C THR A 86 0.17 21.73 -0.55
N ASP A 87 0.91 21.87 0.54
CA ASP A 87 1.99 22.85 0.57
C ASP A 87 2.84 22.65 -0.68
N ALA A 88 3.29 21.41 -0.89
CA ALA A 88 4.09 21.03 -2.03
C ALA A 88 3.48 21.49 -3.35
N TYR A 89 2.20 21.20 -3.55
CA TYR A 89 1.58 21.55 -4.81
C TYR A 89 1.38 23.07 -4.90
N VAL A 90 0.87 23.67 -3.83
CA VAL A 90 0.53 25.08 -3.83
C VAL A 90 1.78 25.93 -4.05
N ARG A 91 2.81 25.63 -3.29
CA ARG A 91 4.05 26.36 -3.37
C ARG A 91 4.71 26.14 -4.72
N ALA A 92 4.58 24.94 -5.24
CA ALA A 92 5.13 24.65 -6.56
C ALA A 92 4.44 25.52 -7.61
N MET A 93 3.14 25.70 -7.45
CA MET A 93 2.38 26.47 -8.41
C MET A 93 2.65 27.97 -8.21
N THR A 94 2.61 28.43 -6.97
CA THR A 94 2.95 29.81 -6.67
C THR A 94 4.27 30.16 -7.36
N GLU A 95 5.33 29.42 -7.00
CA GLU A 95 6.70 29.74 -7.43
C GLU A 95 7.17 29.09 -8.74
N LYS A 96 6.26 28.47 -9.49
CA LYS A 96 6.57 27.99 -10.85
C LYS A 96 7.74 26.99 -10.96
N ARG A 97 8.09 26.37 -9.83
CA ARG A 97 9.17 25.38 -9.78
C ARG A 97 8.95 24.34 -8.67
N ILE A 98 9.85 23.38 -8.57
CA ILE A 98 9.83 22.41 -7.47
C ILE A 98 10.40 23.02 -6.17
N VAL A 99 9.57 23.06 -5.13
CA VAL A 99 9.91 23.75 -3.90
C VAL A 99 10.21 22.77 -2.77
N ILE A 100 9.34 21.80 -2.60
CA ILE A 100 9.53 20.76 -1.58
C ILE A 100 10.24 19.55 -2.19
N THR A 101 11.26 19.07 -1.48
CA THR A 101 11.98 17.87 -1.84
C THR A 101 11.03 16.67 -1.71
N GLU A 102 10.86 15.93 -2.81
CA GLU A 102 10.06 14.71 -2.81
C GLU A 102 10.94 13.48 -2.55
N PHE A 103 10.31 12.33 -2.38
CA PHE A 103 11.00 11.08 -2.10
C PHE A 103 12.31 10.89 -2.91
N GLY A 104 12.27 11.14 -4.22
CA GLY A 104 13.44 10.93 -5.06
C GLY A 104 13.82 12.13 -5.91
N THR A 105 13.40 13.32 -5.50
CA THR A 105 13.73 14.55 -6.20
C THR A 105 14.01 15.68 -5.19
N CYS A 106 15.27 16.09 -5.18
CA CYS A 106 15.72 17.17 -4.32
C CYS A 106 15.37 18.49 -5.00
N ALA A 107 14.79 19.39 -4.23
CA ALA A 107 14.47 20.73 -4.71
C ALA A 107 15.65 21.67 -4.46
N PHE A 108 15.81 22.67 -5.33
CA PHE A 108 16.87 23.67 -5.16
C PHE A 108 16.30 25.09 -5.22
N PRO A 109 16.79 26.00 -4.35
CA PRO A 109 16.23 27.36 -4.21
C PRO A 109 16.39 28.28 -5.43
N GLY A 125 13.12 25.51 9.31
CA GLY A 125 13.52 24.13 9.54
C GLY A 125 13.40 23.27 8.28
N VAL A 126 13.51 21.95 8.43
CA VAL A 126 13.34 21.00 7.31
C VAL A 126 11.87 20.89 6.88
N GLU A 127 11.63 20.98 5.57
CA GLU A 127 10.27 20.97 5.04
C GLU A 127 9.92 19.60 4.46
N VAL A 128 9.27 18.79 5.30
CA VAL A 128 8.90 17.43 4.98
C VAL A 128 7.68 17.44 4.05
N THR A 129 7.66 16.50 3.10
CA THR A 129 6.66 16.53 2.05
C THR A 129 5.31 16.13 2.61
N ASP A 130 4.28 16.77 2.07
CA ASP A 130 2.90 16.42 2.35
C ASP A 130 2.19 16.02 1.04
N ASN A 131 2.99 15.62 0.03
CA ASN A 131 2.46 15.16 -1.26
C ASN A 131 1.71 13.80 -1.08
N ALA A 132 0.40 13.90 -0.84
CA ALA A 132 -0.39 12.76 -0.39
C ALA A 132 -0.88 11.95 -1.60
N LEU A 133 0.07 11.31 -2.28
CA LEU A 133 -0.20 10.63 -3.55
C LEU A 133 -0.52 9.11 -3.45
N VAL A 134 -0.54 8.58 -2.22
CA VAL A 134 -0.50 7.15 -1.98
C VAL A 134 -1.85 6.52 -1.63
N ASN A 135 -2.53 7.05 -0.62
CA ASN A 135 -3.79 6.47 -0.18
C ASN A 135 -4.72 7.51 0.43
N ILE A 136 -5.95 7.07 0.68
CA ILE A 136 -6.96 7.89 1.32
C ILE A 136 -7.76 6.99 2.26
N TYR A 137 -8.07 7.49 3.46
CA TYR A 137 -8.79 6.72 4.45
C TYR A 137 -9.71 7.48 5.38
N PRO A 138 -10.73 6.80 5.93
CA PRO A 138 -11.69 7.46 6.78
C PRO A 138 -11.22 7.53 8.23
N VAL A 139 -11.46 8.69 8.85
CA VAL A 139 -11.26 8.89 10.27
C VAL A 139 -12.49 9.60 10.77
N GLY A 140 -13.24 8.96 11.65
CA GLY A 140 -14.54 9.50 12.02
C GLY A 140 -15.38 9.73 10.77
N GLU A 141 -15.87 10.94 10.58
CA GLU A 141 -16.69 11.27 9.43
C GLU A 141 -15.86 11.96 8.38
N ASP A 142 -14.55 11.95 8.59
CA ASP A 142 -13.63 12.62 7.71
C ASP A 142 -12.89 11.61 6.85
N TYR A 143 -12.27 12.14 5.79
CA TYR A 143 -11.40 11.37 4.93
C TYR A 143 -10.10 12.11 4.73
N TYR A 144 -9.00 11.40 4.91
CA TYR A 144 -7.67 11.98 4.68
C TYR A 144 -6.87 11.29 3.59
N ALA A 145 -6.41 12.06 2.60
CA ALA A 145 -5.33 11.64 1.74
C ALA A 145 -4.00 11.62 2.54
N CYS A 146 -3.11 10.67 2.21
CA CYS A 146 -1.85 10.54 2.91
C CYS A 146 -0.72 10.17 1.97
N THR A 147 0.50 10.34 2.47
CA THR A 147 1.66 9.66 1.96
C THR A 147 2.22 8.89 3.16
N GLU A 148 3.51 8.99 3.45
CA GLU A 148 4.12 8.22 4.54
C GLU A 148 4.85 9.09 5.55
N THR A 149 4.58 10.38 5.53
CA THR A 149 5.19 11.29 6.49
C THR A 149 4.19 11.61 7.58
N ASN A 150 4.53 12.58 8.43
CA ASN A 150 3.64 13.04 9.47
C ASN A 150 2.46 13.90 8.98
N PHE A 151 2.44 14.28 7.70
CA PHE A 151 1.41 15.19 7.18
C PHE A 151 0.34 14.51 6.36
N ILE A 152 -0.90 14.51 6.86
CA ILE A 152 -2.03 14.05 6.07
C ILE A 152 -2.99 15.21 5.75
N THR A 153 -3.70 15.05 4.64
CA THR A 153 -4.53 16.10 4.10
C THR A 153 -5.99 15.66 4.10
N LYS A 154 -6.80 16.34 4.91
CA LYS A 154 -8.26 16.17 4.92
C LYS A 154 -8.81 16.62 3.58
N VAL A 155 -9.72 15.83 3.03
CA VAL A 155 -10.30 16.12 1.73
C VAL A 155 -11.82 15.95 1.72
N ASN A 156 -12.46 16.58 0.75
CA ASN A 156 -13.90 16.48 0.58
C ASN A 156 -14.18 15.33 -0.35
N PRO A 157 -14.83 14.27 0.14
CA PRO A 157 -15.00 13.11 -0.73
C PRO A 157 -16.06 13.25 -1.80
N GLU A 158 -16.93 14.26 -1.69
CA GLU A 158 -17.94 14.53 -2.73
C GLU A 158 -17.35 15.38 -3.86
N THR A 159 -16.63 16.42 -3.49
CA THR A 159 -16.16 17.43 -4.45
C THR A 159 -14.69 17.32 -4.83
N LEU A 160 -13.91 16.65 -3.99
CA LEU A 160 -12.46 16.45 -4.16
C LEU A 160 -11.64 17.67 -3.77
N GLU A 161 -12.26 18.60 -3.06
CA GLU A 161 -11.56 19.80 -2.62
C GLU A 161 -10.67 19.49 -1.44
N THR A 162 -9.57 20.22 -1.36
CA THR A 162 -8.67 20.10 -0.22
C THR A 162 -9.23 20.97 0.92
N ILE A 163 -9.20 20.48 2.14
CA ILE A 163 -9.79 21.20 3.25
C ILE A 163 -8.72 21.67 4.23
N LYS A 164 -7.75 20.79 4.53
CA LYS A 164 -6.87 21.01 5.66
C LYS A 164 -5.62 20.12 5.65
N GLN A 165 -4.52 20.67 6.14
CA GLN A 165 -3.34 19.88 6.43
C GLN A 165 -3.40 19.48 7.89
N VAL A 166 -3.02 18.24 8.22
CA VAL A 166 -2.90 17.82 9.62
C VAL A 166 -1.48 17.37 9.89
N ASP A 167 -0.98 17.70 11.08
CA ASP A 167 0.35 17.31 11.49
C ASP A 167 0.18 16.43 12.70
N LEU A 168 0.35 15.13 12.47
CA LEU A 168 0.18 14.11 13.49
C LEU A 168 1.16 14.22 14.65
N CYS A 169 2.25 14.96 14.46
CA CYS A 169 3.21 15.19 15.56
C CYS A 169 2.60 16.07 16.67
N ASN A 170 1.63 16.91 16.29
CA ASN A 170 0.88 17.72 17.23
C ASN A 170 0.10 16.89 18.23
N TYR A 171 -0.37 15.73 17.79
CA TYR A 171 -1.23 14.89 18.63
C TYR A 171 -0.51 13.69 19.24
N VAL A 172 0.44 13.08 18.51
CA VAL A 172 1.17 11.90 19.01
C VAL A 172 2.63 11.92 18.67
N SER A 173 3.39 11.15 19.44
CA SER A 173 4.81 10.99 19.21
C SER A 173 5.15 9.92 18.15
N VAL A 174 5.07 10.33 16.89
CA VAL A 174 5.67 9.59 15.79
C VAL A 174 6.29 10.56 14.83
N ASN A 175 7.21 10.06 14.02
CA ASN A 175 7.86 10.87 13.00
C ASN A 175 7.11 10.80 11.68
N GLY A 176 6.23 9.83 11.55
CA GLY A 176 5.54 9.53 10.29
C GLY A 176 4.59 8.38 10.52
N ALA A 177 3.86 7.99 9.49
CA ALA A 177 2.92 6.89 9.65
C ALA A 177 2.63 6.34 8.29
N THR A 178 2.32 5.05 8.22
CA THR A 178 2.15 4.42 6.90
C THR A 178 0.93 4.99 6.19
N ALA A 179 0.87 4.80 4.88
CA ALA A 179 -0.33 5.03 4.14
C ALA A 179 -1.25 3.80 4.15
N HIS A 180 -1.03 2.88 5.10
CA HIS A 180 -1.86 1.69 5.24
C HIS A 180 -2.37 1.45 6.63
N PRO A 181 -3.11 2.42 7.18
CA PRO A 181 -3.68 2.16 8.49
C PRO A 181 -4.68 1.02 8.39
N HIS A 182 -4.84 0.25 9.47
CA HIS A 182 -5.96 -0.68 9.57
C HIS A 182 -7.11 0.03 10.20
N ILE A 183 -8.30 -0.16 9.65
CA ILE A 183 -9.52 0.39 10.19
C ILE A 183 -10.40 -0.75 10.66
N GLU A 184 -10.75 -0.78 11.93
CA GLU A 184 -11.74 -1.74 12.42
C GLU A 184 -13.18 -1.39 12.04
N ASN A 185 -14.06 -2.36 12.21
CA ASN A 185 -15.49 -2.19 11.89
C ASN A 185 -16.18 -1.03 12.63
N ASP A 186 -15.73 -0.71 13.85
CA ASP A 186 -16.28 0.44 14.58
C ASP A 186 -15.65 1.79 14.22
N GLY A 187 -14.75 1.82 13.23
CA GLY A 187 -14.12 3.05 12.77
C GLY A 187 -12.80 3.41 13.44
N THR A 188 -12.45 2.70 14.51
CA THR A 188 -11.11 2.79 15.08
C THR A 188 -10.01 2.56 14.02
N VAL A 189 -8.96 3.35 14.12
CA VAL A 189 -7.91 3.41 13.13
C VAL A 189 -6.63 3.10 13.84
N TYR A 190 -5.87 2.16 13.28
CA TYR A 190 -4.58 1.76 13.81
C TYR A 190 -3.51 2.03 12.76
N ASN A 191 -2.37 2.53 13.21
CA ASN A 191 -1.25 2.71 12.32
C ASN A 191 0.05 2.51 13.07
N ILE A 192 1.15 2.60 12.33
CA ILE A 192 2.47 2.41 12.88
C ILE A 192 3.40 3.42 12.19
N GLY A 193 4.31 3.96 12.99
CA GLY A 193 5.38 4.79 12.48
C GLY A 193 6.59 4.68 13.41
N ASN A 194 7.77 5.03 12.88
CA ASN A 194 8.93 5.10 13.74
C ASN A 194 8.92 6.32 14.67
N CYS A 195 9.77 6.25 15.67
CA CYS A 195 9.75 7.19 16.78
C CYS A 195 11.03 7.10 17.58
N PHE A 196 11.24 8.10 18.43
CA PHE A 196 12.36 8.07 19.35
C PHE A 196 11.89 7.39 20.63
N GLY A 197 12.58 6.31 21.01
CA GLY A 197 12.37 5.66 22.31
C GLY A 197 12.99 6.46 23.43
N LYS A 198 12.74 6.03 24.66
CA LYS A 198 13.26 6.70 25.86
C LYS A 198 14.75 6.37 26.04
N ASN A 199 15.11 5.17 25.58
CA ASN A 199 16.49 4.70 25.51
C ASN A 199 17.46 5.68 24.80
N PHE A 200 16.91 6.62 24.03
CA PHE A 200 17.64 7.35 22.98
C PHE A 200 18.03 6.36 21.89
N SER A 201 17.06 5.51 21.58
CA SER A 201 17.11 4.57 20.47
C SER A 201 15.96 4.90 19.51
N ILE A 202 15.85 4.15 18.43
CA ILE A 202 14.71 4.27 17.57
C ILE A 202 13.71 3.19 17.95
N ALA A 203 12.45 3.43 17.68
CA ALA A 203 11.45 2.40 17.88
C ALA A 203 10.25 2.60 16.95
N TYR A 204 9.26 1.74 17.08
CA TYR A 204 8.09 1.87 16.25
C TYR A 204 6.90 1.90 17.20
N ASN A 205 6.04 2.87 16.97
CA ASN A 205 4.91 3.14 17.83
C ASN A 205 3.63 2.81 17.11
N ILE A 206 2.75 2.07 17.80
CA ILE A 206 1.41 1.87 17.31
C ILE A 206 0.47 2.99 17.79
N VAL A 207 -0.12 3.65 16.81
CA VAL A 207 -1.04 4.72 16.99
C VAL A 207 -2.45 4.20 16.86
N LYS A 208 -3.32 4.55 17.81
CA LYS A 208 -4.75 4.28 17.72
C LYS A 208 -5.54 5.57 17.68
N ILE A 209 -6.31 5.79 16.62
CA ILE A 209 -7.29 6.87 16.55
C ILE A 209 -8.68 6.26 16.77
N PRO A 210 -9.41 6.72 17.81
CA PRO A 210 -10.72 6.13 18.11
C PRO A 210 -11.85 6.55 17.14
N PRO A 211 -13.01 5.90 17.25
CA PRO A 211 -14.14 6.36 16.44
C PRO A 211 -14.72 7.70 16.94
N LEU A 212 -15.53 8.35 16.10
CA LEU A 212 -16.24 9.58 16.52
C LEU A 212 -17.22 9.30 17.66
N GLN A 213 -17.01 9.95 18.80
CA GLN A 213 -17.80 9.69 20.00
C GLN A 213 -18.95 10.71 20.11
N ALA A 214 -19.76 10.56 21.16
CA ALA A 214 -20.92 11.43 21.37
C ALA A 214 -20.50 12.91 21.40
N ASP A 215 -19.55 13.22 22.29
CA ASP A 215 -18.92 14.54 22.33
C ASP A 215 -18.66 15.16 20.94
N LYS A 216 -18.55 14.32 19.90
CA LYS A 216 -18.46 14.77 18.51
C LYS A 216 -17.16 15.52 18.17
N GLU A 217 -16.18 15.43 19.07
CA GLU A 217 -14.87 16.05 18.88
C GLU A 217 -14.05 15.27 17.83
N ASP A 218 -13.13 15.98 17.18
CA ASP A 218 -12.26 15.38 16.16
C ASP A 218 -11.48 14.23 16.78
N PRO A 219 -11.61 12.99 16.24
CA PRO A 219 -10.98 11.83 16.89
C PRO A 219 -9.45 11.88 16.90
N ILE A 220 -8.86 12.57 15.92
CA ILE A 220 -7.41 12.74 15.86
C ILE A 220 -6.86 13.39 17.11
N SER A 221 -7.64 14.28 17.72
CA SER A 221 -7.23 14.90 18.99
C SER A 221 -7.17 13.88 20.12
N LYS A 222 -7.79 12.71 19.91
CA LYS A 222 -7.79 11.63 20.92
C LYS A 222 -6.82 10.48 20.57
N SER A 223 -5.99 10.69 19.55
CA SER A 223 -4.91 9.77 19.22
C SER A 223 -4.10 9.42 20.46
N GLU A 224 -3.61 8.20 20.49
CA GLU A 224 -2.78 7.73 21.59
C GLU A 224 -1.89 6.59 21.13
N ILE A 225 -0.85 6.31 21.91
CA ILE A 225 0.05 5.20 21.69
C ILE A 225 -0.48 3.96 22.42
N VAL A 226 -0.64 2.87 21.68
CA VAL A 226 -1.08 1.58 22.20
C VAL A 226 0.13 0.80 22.74
N VAL A 227 1.20 0.76 21.96
CA VAL A 227 2.29 -0.17 22.19
C VAL A 227 3.46 0.22 21.32
N GLN A 228 4.64 -0.17 21.77
CA GLN A 228 5.87 0.14 21.07
C GLN A 228 6.63 -1.14 20.75
N PHE A 229 7.14 -1.20 19.52
CA PHE A 229 8.01 -2.30 19.06
C PHE A 229 9.47 -1.83 19.11
N PRO A 230 10.36 -2.72 19.53
CA PRO A 230 11.76 -2.35 19.53
C PRO A 230 12.32 -2.35 18.11
N CYS A 231 13.50 -1.78 17.93
CA CYS A 231 14.15 -1.77 16.63
C CYS A 231 15.43 -2.61 16.67
N SER A 232 15.72 -3.31 15.58
CA SER A 232 16.87 -4.21 15.49
C SER A 232 18.20 -3.47 15.57
N ASP A 233 18.16 -2.21 15.16
CA ASP A 233 19.30 -1.34 15.14
C ASP A 233 18.92 -0.06 15.90
N ARG A 234 19.76 0.32 16.84
CA ARG A 234 19.49 1.44 17.74
C ARG A 234 19.21 2.76 17.03
N PHE A 235 19.97 3.07 15.97
CA PHE A 235 19.83 4.34 15.26
C PHE A 235 19.24 4.24 13.86
N LYS A 236 18.89 3.05 13.38
CA LYS A 236 18.29 2.90 12.05
C LYS A 236 16.98 2.11 12.09
N PRO A 237 15.85 2.76 11.82
CA PRO A 237 14.64 1.97 11.70
C PRO A 237 14.52 1.35 10.30
N SER A 238 13.70 0.30 10.20
CA SER A 238 13.45 -0.31 8.91
C SER A 238 12.37 0.48 8.28
N TYR A 239 12.38 0.54 6.97
CA TYR A 239 11.25 1.06 6.23
C TYR A 239 10.04 0.17 6.47
N VAL A 240 8.94 0.79 6.90
CA VAL A 240 7.66 0.11 7.12
C VAL A 240 6.61 0.72 6.24
N HIS A 241 5.97 -0.12 5.43
CA HIS A 241 4.93 0.30 4.51
C HIS A 241 3.57 -0.13 4.96
N SER A 242 3.48 -1.24 5.70
CA SER A 242 2.21 -1.74 6.20
C SER A 242 2.43 -2.71 7.35
N PHE A 243 1.32 -3.21 7.91
CA PHE A 243 1.38 -4.13 9.03
C PHE A 243 0.12 -4.98 9.18
N GLY A 244 0.18 -5.95 10.09
CA GLY A 244 -0.93 -6.88 10.29
C GLY A 244 -1.73 -6.64 11.57
N LEU A 245 -3.04 -6.88 11.47
CA LEU A 245 -3.95 -6.70 12.60
C LEU A 245 -4.98 -7.79 12.64
N THR A 246 -5.07 -8.48 13.78
CA THR A 246 -6.14 -9.43 14.07
C THR A 246 -6.90 -8.90 15.27
N PRO A 247 -7.99 -9.55 15.66
CA PRO A 247 -8.72 -9.04 16.81
C PRO A 247 -7.89 -8.97 18.07
N ASN A 248 -6.90 -9.86 18.20
CA ASN A 248 -6.06 -9.91 19.40
C ASN A 248 -4.60 -9.56 19.27
N TYR A 249 -4.12 -9.34 18.06
CA TYR A 249 -2.68 -9.19 17.85
C TYR A 249 -2.35 -8.18 16.79
N ILE A 250 -1.17 -7.60 16.94
CA ILE A 250 -0.57 -6.74 15.94
C ILE A 250 0.73 -7.41 15.48
N VAL A 251 0.89 -7.57 14.17
CA VAL A 251 2.12 -8.13 13.62
C VAL A 251 2.87 -7.05 12.85
N PHE A 252 4.15 -6.96 13.12
CA PHE A 252 5.02 -6.01 12.44
C PHE A 252 6.24 -6.75 11.90
N VAL A 253 6.58 -6.46 10.63
CA VAL A 253 7.71 -7.12 10.00
C VAL A 253 8.86 -6.15 9.73
N GLU A 254 9.98 -6.43 10.38
CA GLU A 254 11.17 -5.56 10.33
C GLU A 254 12.15 -6.09 9.28
N THR A 255 12.23 -5.40 8.16
CA THR A 255 12.97 -5.87 7.01
C THR A 255 14.36 -5.28 6.97
N PRO A 256 15.25 -5.88 6.19
CA PRO A 256 16.61 -5.32 6.16
C PRO A 256 16.77 -4.03 5.36
N VAL A 257 15.68 -3.43 4.91
CA VAL A 257 15.78 -2.11 4.28
C VAL A 257 15.78 -1.06 5.39
N LYS A 258 16.90 -0.37 5.57
CA LYS A 258 17.09 0.50 6.73
C LYS A 258 17.19 1.95 6.34
N ILE A 259 16.66 2.81 7.22
CA ILE A 259 16.76 4.24 7.03
C ILE A 259 17.92 4.76 7.83
N ASN A 260 18.88 5.35 7.14
CA ASN A 260 20.01 5.97 7.78
C ASN A 260 19.71 7.42 8.09
N LEU A 261 19.07 7.65 9.24
CA LEU A 261 18.65 9.00 9.65
C LEU A 261 19.82 9.97 9.55
N PHE A 262 20.99 9.54 10.05
CA PHE A 262 22.22 10.32 9.98
C PHE A 262 22.38 11.01 8.64
N LYS A 263 22.28 10.23 7.56
CA LYS A 263 22.57 10.76 6.23
C LYS A 263 21.69 11.93 5.76
N PHE A 264 20.40 11.94 6.13
CA PHE A 264 19.49 13.06 5.76
C PHE A 264 19.60 14.24 6.72
N LEU A 265 20.18 14.02 7.89
CA LEU A 265 20.53 15.10 8.81
C LEU A 265 22.03 15.50 8.66
N SER A 266 22.68 14.98 7.62
CA SER A 266 24.01 15.44 7.19
C SER A 266 23.99 16.06 5.79
N SER A 267 23.01 15.68 4.97
CA SER A 267 22.85 16.21 3.63
C SER A 267 21.90 17.42 3.61
N TRP A 268 21.06 17.55 4.64
CA TRP A 268 20.29 18.78 4.82
C TRP A 268 21.22 19.90 5.21
N SER A 269 22.06 19.65 6.22
CA SER A 269 22.97 20.67 6.75
C SER A 269 24.04 21.05 5.73
N LEU A 270 24.86 20.09 5.36
CA LEU A 270 25.97 20.33 4.43
C LEU A 270 25.48 20.32 2.97
N TRP A 271 25.34 19.15 2.36
CA TRP A 271 25.15 19.07 0.89
C TRP A 271 23.71 19.26 0.43
N GLY A 272 22.98 18.18 0.13
CA GLY A 272 21.61 18.31 -0.41
C GLY A 272 21.08 17.01 -1.00
N ALA A 273 20.27 16.30 -0.23
CA ALA A 273 19.79 14.96 -0.60
C ALA A 273 18.27 14.83 -0.59
N ASN A 274 17.81 13.69 -1.11
CA ASN A 274 16.41 13.31 -1.02
C ASN A 274 16.24 12.12 -0.07
N TYR A 275 15.02 11.63 0.04
CA TYR A 275 14.70 10.57 1.00
C TYR A 275 15.36 9.25 0.56
N MET A 276 15.21 8.89 -0.72
CA MET A 276 15.79 7.65 -1.26
C MET A 276 17.27 7.48 -0.91
N ASP A 277 18.00 8.59 -0.79
CA ASP A 277 19.43 8.57 -0.43
C ASP A 277 19.73 8.07 0.97
N CYS A 278 18.74 7.99 1.84
CA CYS A 278 18.98 7.53 3.21
C CYS A 278 18.95 6.03 3.34
N PHE A 279 18.41 5.35 2.35
CA PHE A 279 18.16 3.92 2.51
C PHE A 279 19.45 3.16 2.30
N GLU A 280 19.67 2.16 3.12
CA GLU A 280 20.77 1.20 2.97
C GLU A 280 20.18 -0.16 3.27
N SER A 281 20.82 -1.23 2.81
CA SER A 281 20.33 -2.57 3.09
C SER A 281 21.26 -3.20 4.11
N ASN A 282 20.70 -3.75 5.16
CA ASN A 282 21.45 -4.54 6.10
C ASN A 282 21.54 -5.99 5.61
N GLU A 283 22.76 -6.45 5.35
CA GLU A 283 23.01 -7.71 4.65
C GLU A 283 22.89 -8.94 5.52
N THR A 284 23.03 -8.80 6.84
CA THR A 284 23.19 -9.95 7.74
C THR A 284 22.00 -10.24 8.65
N MET A 285 21.12 -9.25 8.86
CA MET A 285 19.98 -9.43 9.79
C MET A 285 18.82 -10.28 9.27
N GLY A 286 18.64 -10.34 7.97
CA GLY A 286 17.45 -11.00 7.43
C GLY A 286 16.18 -10.25 7.81
N VAL A 287 15.12 -11.00 8.07
CA VAL A 287 13.86 -10.42 8.48
C VAL A 287 13.55 -10.81 9.90
N TRP A 288 13.15 -9.82 10.70
CA TRP A 288 12.66 -10.07 12.07
C TRP A 288 11.17 -9.81 12.15
N LEU A 289 10.44 -10.74 12.76
CA LEU A 289 9.01 -10.59 12.86
C LEU A 289 8.66 -10.42 14.31
N HIS A 290 7.74 -9.50 14.54
CA HIS A 290 7.37 -9.03 15.85
C HIS A 290 5.90 -9.06 15.98
N ILE A 291 5.44 -9.43 17.18
CA ILE A 291 4.04 -9.51 17.51
C ILE A 291 3.77 -8.78 18.82
N ALA A 292 2.61 -8.11 18.92
CA ALA A 292 2.17 -7.50 20.19
C ALA A 292 0.74 -7.89 20.53
N ASP A 293 0.46 -8.09 21.81
CA ASP A 293 -0.90 -8.36 22.27
C ASP A 293 -1.74 -7.08 22.12
N LYS A 294 -2.76 -7.08 21.26
CA LYS A 294 -3.54 -5.84 21.04
C LYS A 294 -4.30 -5.32 22.29
N LYS A 295 -4.87 -6.24 23.06
CA LYS A 295 -5.77 -5.86 24.15
C LYS A 295 -5.03 -5.49 25.43
N ARG A 296 -3.94 -6.18 25.70
CA ARG A 296 -3.13 -5.92 26.88
C ARG A 296 -2.08 -4.89 26.57
N LYS A 297 -1.95 -4.53 25.30
CA LYS A 297 -0.99 -3.54 24.85
C LYS A 297 0.45 -3.85 25.26
N LYS A 298 0.85 -5.11 25.16
CA LYS A 298 2.24 -5.51 25.41
C LYS A 298 2.90 -6.07 24.17
N TYR A 299 4.17 -5.74 23.99
CA TYR A 299 5.03 -6.42 23.04
C TYR A 299 5.38 -7.78 23.57
N ILE A 300 5.33 -8.77 22.71
CA ILE A 300 5.67 -10.13 23.06
C ILE A 300 7.10 -10.42 22.60
N ASN A 301 7.89 -11.02 23.48
CA ASN A 301 9.29 -11.28 23.23
C ASN A 301 9.48 -12.65 22.64
N ASN A 302 9.06 -12.81 21.39
CA ASN A 302 9.35 -13.97 20.59
C ASN A 302 10.22 -13.52 19.46
N LYS A 303 11.41 -14.09 19.38
CA LYS A 303 12.39 -13.69 18.37
C LYS A 303 12.20 -14.50 17.12
N TYR A 304 11.15 -14.15 16.37
CA TYR A 304 10.93 -14.74 15.05
C TYR A 304 11.96 -14.18 14.10
N ARG A 305 12.57 -15.05 13.33
CA ARG A 305 13.58 -14.66 12.32
C ARG A 305 13.40 -15.49 11.03
N THR A 306 13.78 -14.89 9.90
CA THR A 306 13.83 -15.63 8.65
C THR A 306 14.70 -14.93 7.63
N SER A 307 14.73 -15.47 6.42
CA SER A 307 15.48 -14.95 5.31
C SER A 307 15.14 -13.53 4.87
N PRO A 308 16.07 -12.87 4.17
CA PRO A 308 15.81 -11.51 3.79
C PRO A 308 14.82 -11.34 2.65
N PHE A 309 13.96 -10.34 2.81
CA PHE A 309 13.00 -9.92 1.78
C PHE A 309 12.48 -8.49 2.02
N ASN A 310 12.19 -7.76 0.95
CA ASN A 310 11.42 -6.53 1.04
C ASN A 310 9.96 -6.91 1.23
N LEU A 311 9.25 -6.05 1.95
CA LEU A 311 7.83 -6.22 2.16
C LEU A 311 7.16 -4.87 2.02
N PHE A 312 6.17 -4.77 1.15
CA PHE A 312 5.32 -3.59 1.13
C PHE A 312 3.96 -3.89 1.68
N HIS A 313 3.33 -4.97 1.24
CA HIS A 313 1.94 -5.22 1.55
C HIS A 313 1.63 -6.50 2.23
N HIS A 314 1.11 -6.43 3.44
CA HIS A 314 0.48 -7.59 4.06
C HIS A 314 -0.78 -7.85 3.28
N ILE A 315 -1.23 -9.09 3.24
CA ILE A 315 -2.46 -9.44 2.56
C ILE A 315 -3.59 -9.58 3.57
N ASN A 316 -3.39 -10.45 4.52
CA ASN A 316 -4.30 -10.58 5.64
C ASN A 316 -3.58 -11.35 6.75
N THR A 317 -4.10 -11.24 7.96
CA THR A 317 -3.52 -11.91 9.10
C THR A 317 -4.65 -12.54 9.88
N TYR A 318 -4.40 -13.66 10.56
CA TYR A 318 -5.42 -14.25 11.39
C TYR A 318 -4.90 -15.33 12.39
N GLU A 319 -5.76 -15.67 13.33
CA GLU A 319 -5.43 -16.56 14.42
C GLU A 319 -6.01 -17.91 14.12
N ASP A 320 -5.23 -18.96 14.25
CA ASP A 320 -5.74 -20.30 14.04
C ASP A 320 -5.17 -21.14 15.16
N HIS A 321 -5.99 -21.43 16.17
CA HIS A 321 -5.52 -22.06 17.40
C HIS A 321 -4.39 -21.27 17.97
N GLU A 322 -3.27 -21.86 18.34
CA GLU A 322 -2.25 -21.07 19.03
C GLU A 322 -1.19 -20.52 18.04
N PHE A 323 -1.64 -20.07 16.87
CA PHE A 323 -0.74 -19.61 15.82
C PHE A 323 -1.31 -18.38 15.14
N LEU A 324 -0.43 -17.53 14.61
CA LEU A 324 -0.83 -16.46 13.72
C LEU A 324 -0.48 -16.85 12.30
N ILE A 325 -1.43 -16.70 11.39
CA ILE A 325 -1.17 -16.91 9.99
C ILE A 325 -0.94 -15.54 9.36
N VAL A 326 0.25 -15.37 8.77
CA VAL A 326 0.67 -14.10 8.20
C VAL A 326 0.97 -14.26 6.71
N ASP A 327 0.12 -13.66 5.87
CA ASP A 327 0.24 -13.79 4.41
C ASP A 327 0.78 -12.51 3.83
N LEU A 328 1.86 -12.61 3.04
CA LEU A 328 2.66 -11.45 2.66
C LEU A 328 3.03 -11.45 1.17
N CYS A 329 3.09 -10.25 0.58
CA CYS A 329 3.65 -10.08 -0.75
C CYS A 329 5.14 -9.73 -0.59
N CYS A 330 6.02 -10.70 -0.85
CA CYS A 330 7.44 -10.55 -0.60
C CYS A 330 8.17 -10.30 -1.87
N TRP A 331 9.35 -9.72 -1.70
CA TRP A 331 10.35 -9.63 -2.76
C TRP A 331 11.61 -10.18 -2.17
N LYS A 332 12.11 -11.27 -2.77
CA LYS A 332 13.24 -11.96 -2.23
C LYS A 332 14.47 -11.14 -2.48
N GLY A 333 15.23 -10.86 -1.42
CA GLY A 333 16.43 -10.06 -1.55
C GLY A 333 16.45 -8.97 -0.51
N PHE A 334 17.63 -8.42 -0.28
CA PHE A 334 17.70 -7.28 0.59
C PHE A 334 17.82 -5.94 -0.15
N GLU A 335 18.02 -5.97 -1.47
CA GLU A 335 18.08 -4.74 -2.25
C GLU A 335 16.71 -4.08 -2.20
N PHE A 336 16.70 -2.76 -2.17
CA PHE A 336 15.47 -2.02 -2.05
C PHE A 336 14.83 -2.00 -3.41
N VAL A 337 13.63 -2.54 -3.48
CA VAL A 337 12.91 -2.63 -4.73
C VAL A 337 12.59 -1.24 -5.30
N TYR A 338 12.56 -0.21 -4.46
CA TYR A 338 12.27 1.13 -4.97
C TYR A 338 13.36 1.64 -5.91
N ASN A 339 14.60 1.15 -5.78
CA ASN A 339 15.67 1.46 -6.75
C ASN A 339 15.31 1.19 -8.20
N TYR A 340 14.35 0.29 -8.42
CA TYR A 340 13.91 -0.05 -9.77
C TYR A 340 12.74 0.82 -10.25
N LEU A 341 12.34 1.81 -9.45
CA LEU A 341 11.08 2.50 -9.68
C LEU A 341 11.21 3.99 -10.02
N TYR A 342 12.38 4.40 -10.54
CA TYR A 342 12.53 5.72 -11.11
C TYR A 342 11.79 5.82 -12.45
N LEU A 343 11.34 7.03 -12.78
CA LEU A 343 10.46 7.24 -13.92
C LEU A 343 11.12 6.97 -15.24
N ALA A 344 12.41 7.25 -15.32
CA ALA A 344 13.16 6.94 -16.53
C ALA A 344 13.12 5.44 -16.78
N ASN A 345 13.41 4.65 -15.74
CA ASN A 345 13.33 3.19 -15.84
C ASN A 345 11.94 2.77 -16.33
N LEU A 346 10.90 3.27 -15.69
CA LEU A 346 9.55 2.83 -16.05
C LEU A 346 9.08 3.30 -17.44
N ARG A 347 9.74 4.29 -18.02
CA ARG A 347 9.38 4.81 -19.35
C ARG A 347 10.29 4.33 -20.49
N GLU A 348 11.32 3.55 -20.19
CA GLU A 348 12.08 2.87 -21.24
C GLU A 348 11.18 1.95 -22.08
N ASN A 349 11.71 1.46 -23.18
CA ASN A 349 10.99 0.51 -24.00
C ASN A 349 11.01 -0.89 -23.40
N TRP A 350 10.17 -1.75 -23.96
CA TRP A 350 9.87 -3.04 -23.35
C TRP A 350 11.08 -3.90 -23.12
N GLU A 351 11.93 -4.05 -24.12
CA GLU A 351 13.14 -4.87 -23.95
C GLU A 351 14.04 -4.36 -22.84
N GLU A 352 14.11 -3.03 -22.68
CA GLU A 352 14.97 -2.42 -21.66
C GLU A 352 14.32 -2.53 -20.27
N VAL A 353 13.00 -2.50 -20.23
CA VAL A 353 12.26 -2.78 -18.99
C VAL A 353 12.53 -4.20 -18.51
N LYS A 354 12.39 -5.17 -19.40
CA LYS A 354 12.64 -6.56 -19.02
C LYS A 354 14.10 -6.72 -18.61
N LYS A 355 15.01 -6.19 -19.43
CA LYS A 355 16.43 -6.28 -19.13
C LYS A 355 16.72 -5.67 -17.76
N ASN A 356 16.18 -4.50 -17.47
CA ASN A 356 16.50 -3.81 -16.21
C ASN A 356 16.02 -4.54 -14.95
N ALA A 357 14.99 -5.36 -15.06
CA ALA A 357 14.46 -6.09 -13.91
C ALA A 357 15.11 -7.44 -13.69
N ARG A 358 16.02 -7.86 -14.58
CA ARG A 358 16.64 -9.20 -14.47
C ARG A 358 17.40 -9.40 -13.17
N LYS A 359 17.98 -8.34 -12.63
CA LYS A 359 18.72 -8.42 -11.39
C LYS A 359 17.93 -7.97 -10.19
N ALA A 360 16.67 -7.59 -10.37
CA ALA A 360 15.84 -7.15 -9.24
C ALA A 360 15.46 -8.28 -8.33
N PRO A 361 15.09 -7.95 -7.10
CA PRO A 361 14.45 -8.97 -6.26
C PRO A 361 13.21 -9.61 -6.91
N GLN A 362 13.00 -10.88 -6.58
CA GLN A 362 12.02 -11.70 -7.30
C GLN A 362 10.75 -11.76 -6.42
N PRO A 363 9.57 -11.44 -6.97
CA PRO A 363 8.37 -11.38 -6.14
C PRO A 363 7.84 -12.75 -5.80
N GLU A 364 7.27 -12.89 -4.61
CA GLU A 364 6.66 -14.16 -4.15
C GLU A 364 5.61 -13.91 -3.06
N VAL A 365 4.47 -14.56 -3.16
CA VAL A 365 3.51 -14.53 -2.07
C VAL A 365 3.79 -15.65 -1.08
N ARG A 366 3.87 -15.31 0.19
CA ARG A 366 4.24 -16.25 1.23
C ARG A 366 3.35 -16.21 2.44
N ARG A 367 3.05 -17.40 2.96
CA ARG A 367 2.37 -17.58 4.23
C ARG A 367 3.37 -17.99 5.30
N TYR A 368 3.56 -17.14 6.31
CA TYR A 368 4.37 -17.49 7.47
C TYR A 368 3.41 -17.89 8.57
N VAL A 369 3.80 -18.83 9.40
CA VAL A 369 3.00 -19.28 10.53
C VAL A 369 3.82 -19.08 11.81
N LEU A 370 3.33 -18.20 12.70
CA LEU A 370 4.06 -17.84 13.93
C LEU A 370 3.42 -18.51 15.13
N PRO A 371 4.11 -19.48 15.73
CA PRO A 371 3.56 -20.08 16.97
C PRO A 371 3.51 -19.09 18.14
N LEU A 372 2.40 -19.07 18.84
CA LEU A 372 2.20 -18.14 19.95
C LEU A 372 2.66 -18.72 21.28
N ASN A 373 2.43 -20.03 21.47
CA ASN A 373 2.62 -20.72 22.77
C ASN A 373 3.93 -21.56 22.78
N ILE A 374 5.07 -20.89 22.94
CA ILE A 374 6.42 -21.52 22.86
C ILE A 374 6.91 -22.29 24.12
N ASP A 375 7.22 -23.58 23.94
CA ASP A 375 7.70 -24.46 25.00
C ASP A 375 9.17 -24.86 24.72
N LYS A 376 10.10 -24.55 25.63
CA LYS A 376 11.51 -25.00 25.51
C LYS A 376 11.69 -26.52 25.33
N ALA A 377 10.71 -27.29 25.81
CA ALA A 377 10.70 -28.74 25.58
C ALA A 377 10.83 -29.11 24.10
N ASP A 378 10.33 -28.24 23.22
CA ASP A 378 10.40 -28.46 21.79
C ASP A 378 11.59 -27.80 21.12
N THR A 379 12.59 -27.36 21.88
CA THR A 379 13.81 -26.84 21.26
C THR A 379 14.36 -27.78 20.14
N GLY A 380 14.67 -27.17 19.00
CA GLY A 380 15.19 -27.90 17.85
C GLY A 380 14.17 -28.63 16.99
N LYS A 381 12.89 -28.52 17.32
CA LYS A 381 11.87 -29.13 16.50
C LYS A 381 10.99 -28.06 15.85
N ASN A 382 10.20 -28.49 14.88
CA ASN A 382 9.25 -27.64 14.17
C ASN A 382 7.97 -27.51 14.98
N LEU A 383 7.62 -26.28 15.37
CA LEU A 383 6.48 -26.05 16.25
C LEU A 383 5.13 -25.97 15.54
N VAL A 384 5.12 -25.89 14.21
CA VAL A 384 3.87 -25.68 13.48
C VAL A 384 3.16 -27.01 13.25
N THR A 385 2.26 -27.31 14.17
CA THR A 385 1.55 -28.56 14.20
C THR A 385 0.21 -28.51 13.49
N LEU A 386 -0.13 -27.37 12.89
CA LEU A 386 -1.37 -27.25 12.11
C LEU A 386 -1.34 -28.21 10.96
N PRO A 387 -2.49 -28.69 10.55
CA PRO A 387 -2.53 -29.76 9.57
C PRO A 387 -2.49 -29.34 8.11
N ASN A 388 -2.84 -28.11 7.78
CA ASN A 388 -2.92 -27.73 6.36
C ASN A 388 -1.93 -26.68 5.92
N THR A 389 -0.70 -26.81 6.38
CA THR A 389 0.32 -25.91 5.91
C THR A 389 1.65 -26.62 5.88
N THR A 390 2.55 -26.10 5.05
CA THR A 390 3.92 -26.56 4.99
C THR A 390 4.91 -25.54 5.59
N ALA A 391 4.38 -24.48 6.18
CA ALA A 391 5.21 -23.52 6.92
C ALA A 391 5.75 -24.16 8.16
N THR A 392 6.97 -23.80 8.52
CA THR A 392 7.62 -24.30 9.73
C THR A 392 8.11 -23.17 10.59
N ALA A 393 8.24 -23.45 11.87
CA ALA A 393 8.89 -22.57 12.83
C ALA A 393 9.72 -23.42 13.74
N ILE A 394 11.00 -23.16 13.80
CA ILE A 394 11.87 -23.97 14.62
C ILE A 394 12.43 -23.16 15.77
N LEU A 395 12.36 -23.72 16.97
CA LEU A 395 12.92 -23.08 18.17
C LEU A 395 14.37 -23.47 18.40
N CYS A 396 15.25 -22.51 18.22
CA CYS A 396 16.67 -22.75 18.39
C CYS A 396 17.04 -22.59 19.87
N SER A 397 18.25 -23.01 20.25
CA SER A 397 18.66 -22.98 21.66
C SER A 397 18.85 -21.56 22.16
N ASP A 398 19.58 -20.81 21.37
CA ASP A 398 19.36 -19.39 21.12
C ASP A 398 18.07 -18.70 21.63
N GLU A 399 16.93 -19.39 21.64
CA GLU A 399 15.61 -18.77 21.86
C GLU A 399 15.02 -18.13 20.59
N THR A 400 15.77 -18.19 19.51
CA THR A 400 15.35 -17.71 18.20
C THR A 400 14.37 -18.69 17.58
N ILE A 401 13.36 -18.16 16.91
CA ILE A 401 12.40 -18.97 16.21
C ILE A 401 12.55 -18.75 14.73
N TRP A 402 13.06 -19.78 14.06
CA TRP A 402 13.36 -19.69 12.64
C TRP A 402 12.21 -20.19 11.84
N LEU A 403 11.75 -19.34 10.91
CA LEU A 403 10.53 -19.56 10.11
C LEU A 403 10.86 -19.86 8.67
N GLU A 404 10.14 -20.83 8.09
CA GLU A 404 10.08 -21.05 6.64
C GLU A 404 8.63 -20.90 6.15
N PRO A 405 8.44 -20.26 5.00
CA PRO A 405 7.10 -20.04 4.53
C PRO A 405 6.56 -21.19 3.69
N GLU A 406 5.25 -21.20 3.54
CA GLU A 406 4.56 -21.90 2.48
C GLU A 406 4.39 -20.89 1.35
N VAL A 407 4.90 -21.20 0.16
CA VAL A 407 4.74 -20.31 -0.99
C VAL A 407 3.33 -20.48 -1.57
N LEU A 408 2.65 -19.36 -1.82
CA LEU A 408 1.29 -19.43 -2.30
C LEU A 408 1.22 -19.08 -3.76
N PHE A 409 2.15 -18.26 -4.23
CA PHE A 409 2.21 -17.89 -5.62
C PHE A 409 3.65 -17.45 -5.95
N SER A 410 4.17 -17.89 -7.09
CA SER A 410 5.52 -17.50 -7.51
C SER A 410 5.64 -17.57 -9.02
N GLY A 411 5.95 -16.44 -9.66
CA GLY A 411 6.11 -16.39 -11.12
C GLY A 411 7.29 -15.52 -11.47
N PRO A 412 8.07 -15.90 -12.50
CA PRO A 412 9.31 -15.15 -12.81
C PRO A 412 9.06 -13.72 -13.19
N ARG A 413 9.34 -12.84 -12.24
CA ARG A 413 9.23 -11.41 -12.41
C ARG A 413 7.77 -11.05 -12.64
N GLN A 414 6.89 -11.86 -12.06
CA GLN A 414 5.45 -11.64 -12.10
C GLN A 414 4.97 -11.51 -10.69
N ALA A 415 4.74 -10.28 -10.24
CA ALA A 415 4.29 -10.13 -8.86
C ALA A 415 2.78 -10.16 -8.76
N PHE A 416 2.28 -10.85 -7.77
CA PHE A 416 0.94 -10.60 -7.28
C PHE A 416 1.10 -9.50 -6.23
N GLU A 417 0.62 -8.31 -6.53
CA GLU A 417 0.87 -7.15 -5.67
C GLU A 417 -0.38 -6.29 -5.46
N PHE A 418 -0.25 -5.21 -4.69
CA PHE A 418 -1.39 -4.35 -4.34
C PHE A 418 -2.58 -5.19 -3.94
N PRO A 419 -2.39 -6.05 -2.94
CA PRO A 419 -3.42 -7.05 -2.67
C PRO A 419 -4.60 -6.46 -1.92
N GLN A 420 -5.76 -7.07 -2.10
CA GLN A 420 -6.98 -6.66 -1.40
C GLN A 420 -7.76 -7.89 -1.04
N ILE A 421 -8.59 -7.78 -0.02
CA ILE A 421 -9.51 -8.84 0.31
C ILE A 421 -10.88 -8.25 0.50
N ASN A 422 -11.84 -9.12 0.81
CA ASN A 422 -13.10 -8.69 1.35
C ASN A 422 -12.82 -8.24 2.77
N TYR A 423 -12.33 -7.02 2.90
CA TYR A 423 -11.75 -6.60 4.18
C TYR A 423 -12.73 -6.49 5.36
N GLN A 424 -13.96 -6.08 5.10
CA GLN A 424 -14.92 -5.76 6.14
C GLN A 424 -15.39 -6.96 6.93
N LYS A 425 -15.54 -8.09 6.25
CA LYS A 425 -16.01 -9.29 6.89
C LYS A 425 -14.86 -10.24 7.18
N TYR A 426 -13.77 -10.13 6.44
CA TYR A 426 -12.65 -11.08 6.57
C TYR A 426 -11.30 -10.53 7.02
N GLY A 427 -11.13 -9.21 7.08
CA GLY A 427 -9.85 -8.67 7.50
C GLY A 427 -9.60 -9.12 8.91
N GLY A 428 -8.43 -9.68 9.16
CA GLY A 428 -8.03 -10.08 10.50
C GLY A 428 -8.58 -11.42 10.90
N LYS A 429 -9.18 -12.12 9.95
CA LYS A 429 -9.87 -13.38 10.26
C LYS A 429 -9.61 -14.43 9.20
N PRO A 430 -10.00 -15.68 9.49
CA PRO A 430 -9.81 -16.72 8.50
C PRO A 430 -10.46 -16.40 7.19
N TYR A 431 -9.78 -16.69 6.09
CA TYR A 431 -10.27 -16.30 4.79
C TYR A 431 -9.71 -17.23 3.74
N THR A 432 -10.15 -17.02 2.50
CA THR A 432 -9.80 -17.86 1.37
C THR A 432 -9.32 -17.10 0.14
N TYR A 433 -9.84 -15.91 -0.12
CA TYR A 433 -9.53 -15.24 -1.39
C TYR A 433 -8.76 -13.94 -1.23
N ALA A 434 -7.89 -13.68 -2.18
CA ALA A 434 -7.19 -12.44 -2.26
C ALA A 434 -7.16 -11.98 -3.72
N TYR A 435 -7.29 -10.67 -3.93
CA TYR A 435 -7.29 -10.06 -5.26
C TYR A 435 -6.03 -9.22 -5.37
N GLY A 436 -5.55 -9.04 -6.60
CA GLY A 436 -4.28 -8.37 -6.76
C GLY A 436 -4.02 -7.88 -8.16
N LEU A 437 -3.01 -7.04 -8.25
CA LEU A 437 -2.57 -6.47 -9.50
C LEU A 437 -1.36 -7.27 -9.93
N GLY A 438 -1.39 -7.82 -11.14
CA GLY A 438 -0.22 -8.53 -11.67
C GLY A 438 0.80 -7.59 -12.28
N LEU A 439 2.02 -7.63 -11.79
CA LEU A 439 3.12 -6.83 -12.32
C LEU A 439 4.06 -7.71 -13.10
N ASN A 440 4.31 -7.29 -14.33
CA ASN A 440 5.13 -8.01 -15.26
C ASN A 440 6.40 -7.22 -15.50
N HIS A 441 7.52 -7.67 -14.93
CA HIS A 441 8.73 -6.82 -14.83
C HIS A 441 8.39 -5.43 -14.38
N PHE A 442 7.62 -5.34 -13.31
CA PHE A 442 7.16 -4.07 -12.71
C PHE A 442 6.06 -3.32 -13.48
N VAL A 443 5.70 -3.76 -14.68
CA VAL A 443 4.61 -3.13 -15.42
C VAL A 443 3.27 -3.78 -15.07
N PRO A 444 2.29 -2.98 -14.60
CA PRO A 444 0.96 -3.50 -14.29
C PRO A 444 0.16 -3.90 -15.51
N ASP A 445 -0.11 -5.19 -15.66
CA ASP A 445 -0.77 -5.64 -16.88
C ASP A 445 -1.84 -6.71 -16.71
N ARG A 446 -2.19 -7.05 -15.47
CA ARG A 446 -3.27 -7.99 -15.25
C ARG A 446 -3.84 -7.86 -13.86
N LEU A 447 -4.98 -8.51 -13.64
CA LEU A 447 -5.60 -8.61 -12.34
C LEU A 447 -5.76 -10.08 -12.02
N CYS A 448 -5.53 -10.43 -10.74
CA CYS A 448 -5.52 -11.80 -10.32
C CYS A 448 -6.41 -12.00 -9.14
N LYS A 449 -6.95 -13.20 -9.06
CA LYS A 449 -7.57 -13.70 -7.87
C LYS A 449 -6.81 -14.96 -7.48
N LEU A 450 -6.67 -15.14 -6.17
CA LEU A 450 -5.90 -16.21 -5.60
C LEU A 450 -6.66 -16.87 -4.48
N ASN A 451 -6.88 -18.17 -4.59
CA ASN A 451 -7.37 -18.93 -3.46
C ASN A 451 -6.15 -19.33 -2.65
N VAL A 452 -6.05 -18.82 -1.43
CA VAL A 452 -4.84 -19.01 -0.64
C VAL A 452 -4.73 -20.39 0.03
N LYS A 453 -5.80 -21.16 -0.01
CA LYS A 453 -5.74 -22.54 0.49
C LYS A 453 -5.36 -23.53 -0.61
N THR A 454 -5.91 -23.38 -1.82
CA THR A 454 -5.72 -24.36 -2.90
C THR A 454 -4.66 -23.93 -3.86
N LYS A 455 -4.46 -22.61 -3.97
CA LYS A 455 -3.48 -21.95 -4.85
C LYS A 455 -3.98 -21.78 -6.26
N GLU A 456 -5.26 -22.09 -6.49
CA GLU A 456 -5.86 -21.77 -7.75
C GLU A 456 -5.75 -20.27 -7.99
N THR A 457 -5.49 -19.89 -9.24
CA THR A 457 -5.63 -18.51 -9.62
C THR A 457 -6.57 -18.25 -10.78
N TRP A 458 -6.99 -16.99 -10.90
CA TRP A 458 -7.77 -16.51 -12.01
C TRP A 458 -7.17 -15.23 -12.50
N VAL A 459 -7.11 -15.04 -13.81
CA VAL A 459 -6.53 -13.83 -14.36
C VAL A 459 -7.50 -13.14 -15.27
N TRP A 460 -7.60 -11.81 -15.17
CA TRP A 460 -8.27 -10.99 -16.17
C TRP A 460 -7.16 -10.25 -16.84
N GLN A 461 -7.13 -10.29 -18.16
CA GLN A 461 -6.10 -9.61 -18.91
C GLN A 461 -6.54 -9.27 -20.30
N GLU A 462 -6.16 -8.09 -20.76
CA GLU A 462 -6.32 -7.71 -22.16
C GLU A 462 -5.09 -6.97 -22.67
N PRO A 463 -4.78 -7.12 -23.96
CA PRO A 463 -3.54 -6.54 -24.49
C PRO A 463 -3.55 -5.03 -24.47
N ASP A 464 -2.39 -4.43 -24.23
CA ASP A 464 -2.25 -2.96 -24.16
C ASP A 464 -3.23 -2.33 -23.19
N SER A 465 -3.35 -2.95 -22.03
CA SER A 465 -4.24 -2.53 -21.00
C SER A 465 -3.53 -2.71 -19.68
N TYR A 466 -3.56 -1.66 -18.87
CA TYR A 466 -2.76 -1.57 -17.67
C TYR A 466 -3.68 -1.19 -16.51
N PRO A 467 -4.07 -2.18 -15.69
CA PRO A 467 -5.02 -1.94 -14.61
C PRO A 467 -4.37 -1.40 -13.33
N SER A 468 -5.20 -1.07 -12.37
CA SER A 468 -4.71 -0.59 -11.09
C SER A 468 -5.12 -1.60 -10.04
N GLU A 469 -4.76 -1.34 -8.80
CA GLU A 469 -5.18 -2.17 -7.69
C GLU A 469 -6.66 -2.49 -7.79
N PRO A 470 -7.03 -3.77 -7.74
CA PRO A 470 -8.44 -4.13 -7.72
C PRO A 470 -9.08 -3.93 -6.36
N ILE A 471 -10.14 -3.15 -6.25
CA ILE A 471 -10.80 -3.01 -4.96
C ILE A 471 -12.04 -3.86 -4.92
N PHE A 472 -12.30 -4.46 -3.78
CA PHE A 472 -13.42 -5.40 -3.68
C PHE A 472 -14.62 -4.76 -2.99
N VAL A 473 -15.80 -4.95 -3.55
CA VAL A 473 -17.03 -4.48 -2.90
C VAL A 473 -18.01 -5.62 -2.75
N SER A 474 -18.45 -5.83 -1.52
CA SER A 474 -19.33 -6.96 -1.21
C SER A 474 -20.73 -6.72 -1.77
N HIS A 475 -21.36 -7.79 -2.26
CA HIS A 475 -22.81 -7.78 -2.46
C HIS A 475 -23.42 -7.60 -1.10
N PRO A 476 -24.41 -6.72 -0.97
CA PRO A 476 -25.03 -6.45 0.30
C PRO A 476 -25.82 -7.61 0.91
N ASP A 477 -26.06 -8.65 0.11
CA ASP A 477 -26.76 -9.85 0.53
C ASP A 477 -25.81 -11.03 0.35
N ALA A 478 -24.51 -10.75 0.40
CA ALA A 478 -23.47 -11.77 0.17
C ALA A 478 -23.61 -12.89 1.16
N LEU A 479 -23.55 -14.11 0.64
CA LEU A 479 -23.49 -15.31 1.47
C LEU A 479 -22.10 -15.93 1.49
N GLU A 480 -21.36 -15.82 0.40
CA GLU A 480 -19.98 -16.31 0.33
C GLU A 480 -18.98 -15.17 0.29
N GLU A 481 -17.73 -15.49 0.58
CA GLU A 481 -16.65 -14.51 0.73
C GLU A 481 -16.42 -13.69 -0.55
N ASP A 482 -16.65 -14.30 -1.70
CA ASP A 482 -16.48 -13.61 -2.98
C ASP A 482 -17.79 -13.28 -3.72
N ASP A 483 -18.89 -13.09 -3.00
CA ASP A 483 -20.13 -12.54 -3.56
C ASP A 483 -19.97 -11.04 -3.64
N GLY A 484 -19.64 -10.55 -4.82
CA GLY A 484 -19.38 -9.13 -4.98
C GLY A 484 -18.63 -8.83 -6.25
N VAL A 485 -18.10 -7.62 -6.34
CA VAL A 485 -17.39 -7.21 -7.52
C VAL A 485 -16.00 -6.72 -7.19
N VAL A 486 -15.21 -6.50 -8.22
CA VAL A 486 -13.90 -5.97 -8.10
C VAL A 486 -13.83 -4.78 -9.08
N LEU A 487 -13.34 -3.65 -8.60
CA LEU A 487 -13.25 -2.41 -9.37
C LEU A 487 -11.79 -2.09 -9.66
N SER A 488 -11.44 -1.83 -10.92
CA SER A 488 -10.08 -1.45 -11.29
C SER A 488 -10.12 -0.31 -12.28
N VAL A 489 -9.20 0.64 -12.14
CA VAL A 489 -9.03 1.65 -13.17
C VAL A 489 -7.97 1.17 -14.17
N VAL A 490 -8.37 1.14 -15.45
CA VAL A 490 -7.57 0.60 -16.52
C VAL A 490 -7.18 1.68 -17.51
N VAL A 491 -5.91 1.72 -17.85
CA VAL A 491 -5.41 2.62 -18.86
C VAL A 491 -5.16 1.80 -20.12
N SER A 492 -5.91 2.09 -21.16
CA SER A 492 -5.74 1.38 -22.43
C SER A 492 -5.40 2.40 -23.49
N PRO A 493 -4.10 2.67 -23.68
CA PRO A 493 -3.73 3.47 -24.83
C PRO A 493 -3.85 2.60 -26.09
N GLY A 494 -3.85 3.22 -27.27
CA GLY A 494 -3.86 2.42 -28.49
C GLY A 494 -4.49 3.01 -29.74
N ALA A 495 -4.98 2.11 -30.59
CA ALA A 495 -5.60 2.48 -31.85
C ALA A 495 -7.00 3.05 -31.60
N GLY A 496 -7.09 4.38 -31.58
CA GLY A 496 -8.35 5.09 -31.35
C GLY A 496 -9.14 4.59 -30.15
N GLN A 497 -8.42 4.02 -29.18
CA GLN A 497 -9.04 3.45 -28.01
C GLN A 497 -9.53 4.56 -27.09
N LYS A 498 -10.58 4.29 -26.34
CA LYS A 498 -10.93 5.11 -25.18
C LYS A 498 -9.69 5.05 -24.28
N PRO A 499 -9.02 6.18 -24.05
CA PRO A 499 -7.73 6.13 -23.37
C PRO A 499 -7.76 5.41 -22.03
N ALA A 500 -8.89 5.51 -21.33
CA ALA A 500 -9.09 4.79 -20.09
C ALA A 500 -10.52 4.40 -19.82
N TYR A 501 -10.67 3.53 -18.82
CA TYR A 501 -11.98 3.10 -18.36
C TYR A 501 -11.93 2.49 -16.98
N LEU A 502 -13.09 2.50 -16.33
CA LEU A 502 -13.29 1.82 -15.07
C LEU A 502 -13.86 0.45 -15.37
N LEU A 503 -13.24 -0.56 -14.77
CA LEU A 503 -13.58 -1.96 -15.00
C LEU A 503 -14.31 -2.53 -13.78
N ILE A 504 -15.39 -3.24 -14.02
CA ILE A 504 -16.08 -3.92 -12.96
C ILE A 504 -16.10 -5.41 -13.27
N LEU A 505 -15.46 -6.21 -12.43
CA LEU A 505 -15.46 -7.65 -12.62
C LEU A 505 -16.30 -8.36 -11.59
N ASN A 506 -16.80 -9.53 -11.97
CA ASN A 506 -17.42 -10.42 -11.02
C ASN A 506 -16.33 -11.06 -10.17
N ALA A 507 -16.40 -10.85 -8.86
CA ALA A 507 -15.39 -11.33 -7.94
C ALA A 507 -15.23 -12.85 -7.89
N LYS A 508 -16.25 -13.62 -8.35
CA LYS A 508 -16.19 -15.09 -8.33
C LYS A 508 -15.24 -15.68 -9.35
N ASP A 509 -15.21 -15.13 -10.55
CA ASP A 509 -14.39 -15.70 -11.64
C ASP A 509 -13.64 -14.65 -12.47
N LEU A 510 -13.61 -13.42 -11.98
CA LEU A 510 -13.02 -12.29 -12.69
C LEU A 510 -13.55 -12.15 -14.13
N SER A 511 -14.84 -12.39 -14.31
CA SER A 511 -15.47 -12.16 -15.59
C SER A 511 -16.03 -10.76 -15.62
N GLU A 512 -15.99 -10.13 -16.78
CA GLU A 512 -16.35 -8.74 -16.91
C GLU A 512 -17.86 -8.55 -16.83
N VAL A 513 -18.26 -7.59 -16.01
CA VAL A 513 -19.65 -7.21 -15.86
C VAL A 513 -19.94 -5.90 -16.59
N ALA A 514 -18.99 -4.96 -16.56
CA ALA A 514 -19.25 -3.61 -17.03
C ALA A 514 -18.01 -2.80 -17.27
N ARG A 515 -18.21 -1.63 -17.86
CA ARG A 515 -17.14 -0.65 -18.05
C ARG A 515 -17.73 0.71 -18.12
N ALA A 516 -16.96 1.68 -17.64
CA ALA A 516 -17.31 3.08 -17.71
C ALA A 516 -16.13 3.77 -18.40
N GLU A 517 -16.27 4.05 -19.68
CA GLU A 517 -15.16 4.57 -20.46
C GLU A 517 -15.08 6.08 -20.36
N VAL A 518 -13.87 6.60 -20.48
CA VAL A 518 -13.67 8.03 -20.52
C VAL A 518 -12.74 8.36 -21.66
N GLU A 519 -12.72 9.64 -22.05
CA GLU A 519 -12.07 10.06 -23.29
C GLU A 519 -10.72 10.73 -23.01
N ILE A 520 -10.27 10.65 -21.76
CA ILE A 520 -9.01 11.23 -21.32
C ILE A 520 -8.14 10.19 -20.64
N ASN A 521 -6.85 10.48 -20.55
CA ASN A 521 -5.91 9.57 -19.93
C ASN A 521 -6.06 9.66 -18.43
N ILE A 522 -5.62 8.62 -17.73
CA ILE A 522 -5.53 8.60 -16.28
C ILE A 522 -4.17 8.04 -15.93
N PRO A 523 -3.38 8.73 -15.08
CA PRO A 523 -2.09 8.18 -14.72
C PRO A 523 -2.19 7.08 -13.67
N VAL A 524 -1.03 6.52 -13.32
CA VAL A 524 -0.96 5.48 -12.33
C VAL A 524 -1.64 5.92 -11.03
N THR A 525 -2.41 5.03 -10.42
CA THR A 525 -2.90 5.23 -9.06
C THR A 525 -2.47 4.04 -8.22
N PHE A 526 -2.30 4.27 -6.92
CA PHE A 526 -1.80 3.23 -6.02
C PHE A 526 -2.89 2.56 -5.21
N HIS A 527 -3.53 3.34 -4.35
CA HIS A 527 -4.51 2.79 -3.45
C HIS A 527 -5.72 3.64 -3.41
N GLY A 528 -6.74 3.19 -2.70
CA GLY A 528 -7.94 3.96 -2.53
C GLY A 528 -9.00 3.18 -1.81
N LEU A 529 -10.24 3.63 -1.90
CA LEU A 529 -11.34 2.97 -1.20
C LEU A 529 -12.62 3.11 -1.99
N PHE A 530 -13.56 2.23 -1.72
CA PHE A 530 -14.90 2.41 -2.22
C PHE A 530 -15.78 2.88 -1.10
N LYS A 531 -16.47 4.00 -1.32
CA LYS A 531 -17.32 4.59 -0.32
C LYS A 531 -18.78 4.32 -0.67
N LYS A 532 -19.44 3.52 0.16
CA LYS A 532 -20.88 3.28 0.04
C LYS A 532 -21.63 4.52 0.49
N SER A 533 -22.46 5.05 -0.39
CA SER A 533 -23.15 6.31 -0.14
C SER A 533 -24.30 6.45 -1.13
IR IR3 B . -27.83 -8.84 -9.30
FE FE2 C . 1.01 0.42 -0.59
#